data_3U24
#
_entry.id   3U24
#
_cell.length_a   96.427
_cell.length_b   96.427
_cell.length_c   133.947
_cell.angle_alpha   90.00
_cell.angle_beta   90.00
_cell.angle_gamma   120.00
#
_symmetry.space_group_name_H-M   'P 31 2 1'
#
loop_
_entity.id
_entity.type
_entity.pdbx_description
1 polymer 'putative Lipoprotein'
2 non-polymer 'ZINC ION'
3 non-polymer 'ACETIC ACID'
4 non-polymer 1,2-ETHANEDIOL
5 non-polymer 'CALCIUM ION'
6 non-polymer IMIDAZOLE
7 water water
#
_entity_poly.entity_id   1
_entity_poly.type   'polypeptide(L)'
_entity_poly.pdbx_seq_one_letter_code
;SNAQSQSNQATPSKVVSGEVNAASFAQFSNAFIDDLWQLSPTWALYSGKHVNDGYLEIPDEAGRVKTLAFVKAQQAKLKQ
FELKSLTSNETIDYHLIDNLLSS(MSE)AWDITRFKSWQWDPSSYNVAGGFAQIINENFAPLDDRLRSVLAR(MSE)ENI
PAYYAAARGNISQPTLEHTELAVLQNQGAFSVFSDDLLKQVADSGLSDAEKALFKTRFDIASKAINEHISWLNAQVSQLK
KEGARSFRIGEELYEQKFAFDIQAG(MSE)TAKQLYQKA(MSE)VDKDRVQGE(MSE)AKITDKLWPKYFTTPKPSDNKI
AIRQLIDKLSTKHVKRDDFVSEVRKQIPELIEFVNQKNIVTLDPKKPLVVRETPEY(MSE)RGYASISAPGPYDKLGNTY
YNVTPLDG(MSE)SNESAESYLREYNHWILQILNIHEAIPGHYTQLVYSNESPSLVKSLFGNGA(MSE)VEGWAVYTER
(MSE)(MSE)LEEGYGNFEPE(MSE)WL(MSE)YYKWNLRVICNTILDYSIHVKG(MSE)TEEQAIAL(MSE)(MSE)DE
AFQQRAEAEGKWRRATLSQVQLTSYYSGYREIYDFREEYKQLKGKDFDLKAFHEKFLSYGSAPVKYIRQL(MSE)LE
;
_entity_poly.pdbx_strand_id   A
#
loop_
_chem_comp.id
_chem_comp.type
_chem_comp.name
_chem_comp.formula
ACY non-polymer 'ACETIC ACID' 'C2 H4 O2'
CA non-polymer 'CALCIUM ION' 'Ca 2'
EDO non-polymer 1,2-ETHANEDIOL 'C2 H6 O2'
IMD non-polymer IMIDAZOLE 'C3 H5 N2 1'
ZN non-polymer 'ZINC ION' 'Zn 2'
#
# COMPACT_ATOMS: atom_id res chain seq x y z
N ALA A 22 9.80 37.01 -8.41
CA ALA A 22 10.41 35.65 -8.32
C ALA A 22 9.57 34.77 -7.40
N ALA A 23 9.10 33.62 -7.88
CA ALA A 23 8.22 32.72 -7.08
C ALA A 23 8.94 32.20 -5.82
N SER A 24 8.24 32.18 -4.69
CA SER A 24 8.72 31.45 -3.51
C SER A 24 8.62 29.95 -3.74
N PHE A 25 9.27 29.18 -2.89
CA PHE A 25 9.13 27.75 -3.00
C PHE A 25 7.67 27.32 -2.78
N ALA A 26 6.99 27.97 -1.85
CA ALA A 26 5.57 27.65 -1.61
C ALA A 26 4.76 27.93 -2.86
N GLN A 27 5.04 29.03 -3.56
CA GLN A 27 4.32 29.32 -4.78
C GLN A 27 4.63 28.28 -5.83
N PHE A 28 5.88 27.84 -5.89
CA PHE A 28 6.26 26.86 -6.86
C PHE A 28 5.57 25.54 -6.64
N SER A 29 5.59 25.02 -5.40
CA SER A 29 4.85 23.80 -5.01
C SER A 29 3.41 23.80 -5.48
N ASN A 30 2.67 24.85 -5.19
CA ASN A 30 1.29 24.95 -5.64
C ASN A 30 1.17 25.00 -7.21
N ALA A 31 2.08 25.72 -7.88
CA ALA A 31 2.06 25.75 -9.34
C ALA A 31 2.44 24.38 -9.91
N PHE A 32 3.32 23.65 -9.24
CA PHE A 32 3.69 22.35 -9.71
C PHE A 32 2.48 21.39 -9.71
N ILE A 33 1.77 21.33 -8.60
CA ILE A 33 0.57 20.51 -8.50
C ILE A 33 -0.45 20.97 -9.55
N ASP A 34 -0.67 22.27 -9.69
CA ASP A 34 -1.53 22.71 -10.77
C ASP A 34 -1.10 22.21 -12.16
N ASP A 35 0.20 22.24 -12.44
CA ASP A 35 0.67 21.77 -13.70
C ASP A 35 0.55 20.27 -13.82
N LEU A 36 0.74 19.54 -12.73
CA LEU A 36 0.62 18.10 -12.77
C LEU A 36 -0.80 17.75 -13.13
N TRP A 37 -1.79 18.45 -12.58
CA TRP A 37 -3.17 18.17 -12.87
C TRP A 37 -3.63 18.54 -14.27
N GLN A 38 -3.01 19.55 -14.84
CA GLN A 38 -3.22 19.93 -16.24
C GLN A 38 -2.68 18.88 -17.18
N LEU A 39 -1.54 18.27 -16.84
CA LEU A 39 -0.98 17.17 -17.61
C LEU A 39 -1.79 15.90 -17.48
N SER A 40 -2.28 15.63 -16.27
CA SER A 40 -3.03 14.40 -16.02
C SER A 40 -4.27 14.63 -15.17
N PRO A 41 -5.35 15.03 -15.81
CA PRO A 41 -6.53 15.23 -14.98
C PRO A 41 -7.10 13.97 -14.35
N THR A 42 -6.77 12.79 -14.86
CA THR A 42 -7.19 11.55 -14.19
C THR A 42 -6.46 11.35 -12.85
N TRP A 43 -5.16 11.63 -12.83
CA TRP A 43 -4.43 11.61 -11.57
C TRP A 43 -5.06 12.58 -10.60
N ALA A 44 -5.47 13.74 -11.08
CA ALA A 44 -6.13 14.71 -10.23
C ALA A 44 -7.44 14.09 -9.65
N LEU A 45 -8.23 13.51 -10.54
CA LEU A 45 -9.47 12.84 -10.18
C LEU A 45 -9.25 11.81 -9.09
N TYR A 46 -8.27 10.94 -9.26
CA TYR A 46 -7.96 9.96 -8.24
C TYR A 46 -7.50 10.60 -6.96
N SER A 47 -6.90 11.80 -7.02
CA SER A 47 -6.45 12.50 -5.81
C SER A 47 -7.57 13.27 -5.15
N GLY A 48 -8.71 13.36 -5.83
CA GLY A 48 -9.88 13.99 -5.23
C GLY A 48 -10.10 15.37 -5.75
N LYS A 49 -9.40 15.76 -6.82
CA LYS A 49 -9.66 17.07 -7.41
C LYS A 49 -10.12 16.92 -8.86
N HIS A 50 -11.32 17.43 -9.11
CA HIS A 50 -12.04 17.25 -10.38
C HIS A 50 -11.72 18.37 -11.31
N VAL A 51 -10.53 18.38 -11.89
CA VAL A 51 -10.11 19.47 -12.76
C VAL A 51 -10.71 19.32 -14.15
N ASN A 52 -10.81 18.10 -14.67
CA ASN A 52 -11.41 17.90 -16.00
C ASN A 52 -11.79 16.44 -16.18
N ASP A 53 -12.88 16.04 -15.55
CA ASP A 53 -13.30 14.67 -15.56
C ASP A 53 -13.75 14.21 -16.95
N GLY A 54 -14.13 15.16 -17.80
CA GLY A 54 -14.55 14.81 -19.14
C GLY A 54 -13.46 14.47 -20.14
N TYR A 55 -12.20 14.57 -19.73
CA TYR A 55 -11.07 14.42 -20.61
C TYR A 55 -10.38 13.10 -20.32
N LEU A 56 -10.40 12.20 -21.29
CA LEU A 56 -9.71 10.92 -21.15
C LEU A 56 -8.39 11.04 -21.87
N GLU A 57 -7.28 10.94 -21.14
CA GLU A 57 -5.95 10.99 -21.75
C GLU A 57 -5.75 9.75 -22.61
N ILE A 58 -5.26 9.94 -23.82
CA ILE A 58 -4.96 8.82 -24.71
C ILE A 58 -3.51 8.48 -24.46
N PRO A 59 -3.23 7.24 -24.04
CA PRO A 59 -1.86 6.91 -23.64
C PRO A 59 -1.04 6.51 -24.84
N ASP A 60 -0.78 7.44 -25.73
CA ASP A 60 0.04 7.23 -26.92
C ASP A 60 1.36 7.95 -26.77
N GLU A 61 2.15 7.95 -27.84
CA GLU A 61 3.48 8.51 -27.81
C GLU A 61 3.49 10.01 -27.55
N ALA A 62 2.51 10.73 -28.06
CA ALA A 62 2.43 12.17 -27.75
C ALA A 62 2.25 12.38 -26.26
N GLY A 63 1.49 11.50 -25.60
CA GLY A 63 1.34 11.47 -24.11
C GLY A 63 2.69 11.36 -23.40
N ARG A 64 3.51 10.43 -23.83
CA ARG A 64 4.84 10.22 -23.25
C ARG A 64 5.75 11.43 -23.50
N VAL A 65 5.84 11.90 -24.75
CA VAL A 65 6.61 13.09 -25.08
C VAL A 65 6.18 14.24 -24.18
N LYS A 66 4.88 14.45 -24.07
CA LYS A 66 4.37 15.54 -23.25
C LYS A 66 4.72 15.36 -21.76
N THR A 67 4.72 14.12 -21.27
CA THR A 67 5.11 13.85 -19.88
C THR A 67 6.59 14.15 -19.70
N LEU A 68 7.41 13.74 -20.65
CA LEU A 68 8.84 14.02 -20.55
C LEU A 68 9.15 15.52 -20.67
N ALA A 69 8.40 16.28 -21.47
CA ALA A 69 8.58 17.73 -21.53
C ALA A 69 8.18 18.38 -20.17
N PHE A 70 7.19 17.81 -19.51
CA PHE A 70 6.80 18.31 -18.19
C PHE A 70 7.89 18.03 -17.16
N VAL A 71 8.46 16.81 -17.17
CA VAL A 71 9.54 16.46 -16.27
C VAL A 71 10.69 17.46 -16.45
N LYS A 72 11.14 17.63 -17.70
CA LYS A 72 12.22 18.57 -18.00
C LYS A 72 11.94 19.99 -17.53
N ALA A 73 10.76 20.54 -17.78
CA ALA A 73 10.48 21.92 -17.38
C ALA A 73 10.37 22.07 -15.86
N GLN A 74 9.78 21.08 -15.18
CA GLN A 74 9.59 21.22 -13.74
C GLN A 74 10.90 20.99 -13.03
N GLN A 75 11.68 20.04 -13.52
CA GLN A 75 13.04 19.89 -12.99
C GLN A 75 13.85 21.17 -13.09
N ALA A 76 13.74 21.89 -14.21
CA ALA A 76 14.55 23.11 -14.37
C ALA A 76 14.06 24.22 -13.43
N LYS A 77 12.75 24.25 -13.15
CA LYS A 77 12.20 25.17 -12.14
C LYS A 77 12.68 24.80 -10.73
N LEU A 78 12.72 23.51 -10.42
CA LEU A 78 13.24 23.04 -9.15
C LEU A 78 14.64 23.51 -8.91
N LYS A 79 15.49 23.34 -9.91
CA LYS A 79 16.93 23.65 -9.79
C LYS A 79 17.20 25.14 -9.55
N GLN A 80 16.24 25.99 -9.80
CA GLN A 80 16.34 27.39 -9.42
C GLN A 80 16.35 27.67 -7.91
N PHE A 81 15.95 26.73 -7.08
CA PHE A 81 15.88 26.97 -5.64
C PHE A 81 17.11 26.44 -4.98
N GLU A 82 17.82 27.31 -4.25
CA GLU A 82 18.91 26.90 -3.38
C GLU A 82 18.37 26.06 -2.24
N LEU A 83 18.97 24.90 -2.05
CA LEU A 83 18.58 24.01 -0.95
C LEU A 83 18.78 24.60 0.46
N LYS A 84 19.72 25.52 0.62
CA LYS A 84 19.91 26.23 1.88
C LYS A 84 18.81 27.27 2.12
N SER A 85 18.02 27.57 1.11
CA SER A 85 16.97 28.56 1.27
C SER A 85 15.65 27.97 1.78
N LEU A 86 15.64 26.69 2.15
CA LEU A 86 14.37 25.97 2.39
C LEU A 86 14.15 25.59 3.86
N THR A 87 12.92 25.65 4.33
CA THR A 87 12.61 25.11 5.64
C THR A 87 12.55 23.55 5.58
N SER A 88 12.33 22.93 6.73
CA SER A 88 12.38 21.48 6.79
C SER A 88 11.25 20.87 5.99
N ASN A 89 10.04 21.40 6.13
CA ASN A 89 8.93 20.95 5.27
C ASN A 89 9.12 21.18 3.78
N GLU A 90 9.68 22.32 3.44
CA GLU A 90 9.94 22.64 2.05
C GLU A 90 11.00 21.70 1.48
N THR A 91 11.99 21.32 2.30
CA THR A 91 13.04 20.47 1.78
C THR A 91 12.50 19.05 1.56
N ILE A 92 11.60 18.63 2.42
CA ILE A 92 10.88 17.35 2.19
C ILE A 92 10.07 17.40 0.89
N ASP A 93 9.28 18.45 0.70
CA ASP A 93 8.56 18.62 -0.55
C ASP A 93 9.50 18.67 -1.78
N TYR A 94 10.62 19.36 -1.65
CA TYR A 94 11.58 19.49 -2.73
C TYR A 94 12.00 18.08 -3.15
N HIS A 95 12.42 17.26 -2.18
CA HIS A 95 12.90 15.94 -2.48
C HIS A 95 11.84 14.99 -3.01
N LEU A 96 10.65 15.04 -2.44
CA LEU A 96 9.55 14.24 -2.94
C LEU A 96 9.23 14.62 -4.38
N ILE A 97 9.20 15.91 -4.72
CA ILE A 97 8.99 16.32 -6.08
C ILE A 97 10.11 15.85 -7.01
N ASP A 98 11.37 16.06 -6.63
CA ASP A 98 12.50 15.65 -7.45
C ASP A 98 12.46 14.15 -7.78
N ASN A 99 12.28 13.34 -6.75
CA ASN A 99 12.17 11.92 -6.89
C ASN A 99 10.94 11.48 -7.74
N LEU A 100 9.78 12.08 -7.52
CA LEU A 100 8.63 11.78 -8.35
C LEU A 100 8.95 12.08 -9.83
N LEU A 101 9.54 13.24 -10.09
CA LEU A 101 9.92 13.59 -11.45
C LEU A 101 10.90 12.57 -12.06
N SER A 102 11.96 12.22 -11.35
CA SER A 102 12.93 11.28 -11.88
C SER A 102 12.27 9.94 -12.15
N SER A 103 11.37 9.53 -11.29
CA SER A 103 10.77 8.24 -11.48
C SER A 103 9.77 8.22 -12.63
N MSE A 104 9.08 9.31 -12.87
CA MSE A 104 8.23 9.43 -14.08
C MSE A 104 9.03 9.25 -15.37
O MSE A 104 8.63 8.48 -16.25
CB MSE A 104 7.44 10.74 -14.14
CG MSE A 104 6.35 10.87 -13.04
SE MSE A 104 5.66 12.70 -12.77
CE MSE A 104 4.95 12.93 -14.57
N ALA A 105 10.15 9.96 -15.48
CA ALA A 105 11.00 9.88 -16.64
C ALA A 105 11.49 8.45 -16.84
N TRP A 106 11.94 7.86 -15.74
CA TRP A 106 12.51 6.53 -15.75
C TRP A 106 11.48 5.50 -16.12
N ASP A 107 10.23 5.64 -15.64
CA ASP A 107 9.15 4.76 -16.05
C ASP A 107 8.94 4.77 -17.57
N ILE A 108 9.03 5.96 -18.17
CA ILE A 108 8.82 6.09 -19.59
C ILE A 108 10.02 5.57 -20.37
N THR A 109 11.24 5.86 -19.94
CA THR A 109 12.38 5.58 -20.80
C THR A 109 13.08 4.25 -20.52
N ARG A 110 12.87 3.65 -19.36
CA ARG A 110 13.67 2.47 -18.96
C ARG A 110 12.80 1.32 -18.49
N PHE A 111 11.89 1.57 -17.57
CA PHE A 111 11.10 0.49 -16.99
C PHE A 111 10.13 -0.03 -18.06
N LYS A 112 9.43 0.90 -18.69
CA LYS A 112 8.62 0.67 -19.85
C LYS A 112 7.50 -0.32 -19.59
N SER A 113 6.84 -0.19 -18.46
CA SER A 113 5.68 -1.02 -18.22
C SER A 113 4.57 -0.70 -19.18
N TRP A 114 4.56 0.49 -19.77
CA TRP A 114 3.60 0.82 -20.80
C TRP A 114 3.69 -0.12 -22.01
N GLN A 115 4.83 -0.81 -22.18
CA GLN A 115 4.99 -1.81 -23.25
C GLN A 115 4.52 -3.19 -22.86
N TRP A 116 4.96 -3.67 -21.69
CA TRP A 116 4.79 -5.06 -21.32
C TRP A 116 3.72 -5.36 -20.32
N ASP A 117 3.01 -4.36 -19.81
CA ASP A 117 1.90 -4.59 -18.85
C ASP A 117 0.58 -4.11 -19.46
N PRO A 118 -0.14 -5.00 -20.14
CA PRO A 118 -1.39 -4.57 -20.76
C PRO A 118 -2.44 -4.22 -19.72
N SER A 119 -2.25 -4.62 -18.47
CA SER A 119 -3.25 -4.28 -17.49
C SER A 119 -3.24 -2.79 -17.17
N SER A 120 -2.19 -2.06 -17.53
CA SER A 120 -2.19 -0.61 -17.32
C SER A 120 -3.18 0.17 -18.28
N TYR A 121 -3.77 -0.54 -19.26
CA TYR A 121 -4.75 0.04 -20.15
C TYR A 121 -6.15 -0.45 -19.81
N ASN A 122 -6.90 0.41 -19.13
CA ASN A 122 -8.27 0.08 -18.69
C ASN A 122 -8.99 1.37 -18.32
N VAL A 123 -10.08 1.68 -19.00
CA VAL A 123 -10.80 2.95 -18.70
C VAL A 123 -11.71 2.88 -17.45
N ALA A 124 -11.95 1.68 -16.93
CA ALA A 124 -13.03 1.46 -15.95
C ALA A 124 -12.84 2.33 -14.70
N GLY A 125 -11.60 2.33 -14.19
CA GLY A 125 -11.20 3.03 -12.99
C GLY A 125 -11.61 4.51 -12.94
N GLY A 126 -11.28 5.22 -13.99
CA GLY A 126 -11.60 6.65 -14.04
C GLY A 126 -13.12 6.90 -14.05
N PHE A 127 -13.83 6.05 -14.79
CA PHE A 127 -15.27 6.14 -14.85
C PHE A 127 -15.90 5.82 -13.51
N ALA A 128 -15.42 4.79 -12.82
CA ALA A 128 -15.98 4.41 -11.50
C ALA A 128 -15.79 5.54 -10.50
N GLN A 129 -14.64 6.21 -10.51
CA GLN A 129 -14.41 7.34 -9.61
C GLN A 129 -15.40 8.47 -9.86
N ILE A 130 -15.79 8.72 -11.10
CA ILE A 130 -16.75 9.79 -11.37
C ILE A 130 -18.14 9.32 -10.91
N ILE A 131 -18.55 8.13 -11.32
CA ILE A 131 -19.91 7.66 -11.17
C ILE A 131 -20.27 7.37 -9.71
N ASN A 132 -19.34 6.78 -8.99
CA ASN A 132 -19.61 6.28 -7.67
C ASN A 132 -19.62 7.32 -6.52
N GLU A 133 -19.46 8.60 -6.83
CA GLU A 133 -19.77 9.70 -5.89
C GLU A 133 -21.26 10.08 -5.89
N ASN A 134 -21.99 9.32 -5.08
CA ASN A 134 -23.43 9.47 -5.05
C ASN A 134 -23.88 10.77 -4.36
N PHE A 135 -22.92 11.51 -3.77
CA PHE A 135 -23.19 12.83 -3.25
C PHE A 135 -22.99 13.97 -4.28
N ALA A 136 -22.23 13.72 -5.35
CA ALA A 136 -21.96 14.81 -6.32
C ALA A 136 -23.16 14.93 -7.28
N PRO A 137 -23.45 16.16 -7.75
CA PRO A 137 -24.61 16.33 -8.62
C PRO A 137 -24.62 15.34 -9.81
N LEU A 138 -25.77 14.72 -10.05
CA LEU A 138 -25.81 13.59 -10.98
C LEU A 138 -25.63 14.04 -12.42
N ASP A 139 -26.33 15.08 -12.79
CA ASP A 139 -26.19 15.65 -14.12
C ASP A 139 -24.73 16.07 -14.38
N ASP A 140 -24.00 16.60 -13.42
CA ASP A 140 -22.59 16.93 -13.64
C ASP A 140 -21.76 15.65 -13.83
N ARG A 141 -21.97 14.66 -12.98
CA ARG A 141 -21.30 13.39 -13.17
C ARG A 141 -21.58 12.78 -14.56
N LEU A 142 -22.84 12.71 -14.97
CA LEU A 142 -23.21 12.09 -16.26
C LEU A 142 -22.68 12.86 -17.46
N ARG A 143 -22.63 14.18 -17.36
CA ARG A 143 -22.06 14.98 -18.43
C ARG A 143 -20.55 14.75 -18.52
N SER A 144 -19.90 14.54 -17.37
CA SER A 144 -18.48 14.18 -17.39
C SER A 144 -18.27 12.83 -18.08
N VAL A 145 -19.09 11.86 -17.73
CA VAL A 145 -19.03 10.54 -18.34
C VAL A 145 -19.37 10.63 -19.85
N LEU A 146 -20.40 11.42 -20.18
CA LEU A 146 -20.77 11.63 -21.58
C LEU A 146 -19.52 12.04 -22.40
N ALA A 147 -18.76 13.04 -21.90
CA ALA A 147 -17.59 13.56 -22.59
C ALA A 147 -16.44 12.56 -22.56
N ARG A 148 -16.26 11.90 -21.43
CA ARG A 148 -15.13 10.99 -21.25
C ARG A 148 -15.21 9.74 -22.15
N MSE A 149 -16.44 9.35 -22.53
CA MSE A 149 -16.63 8.22 -23.44
C MSE A 149 -16.13 8.46 -24.90
O MSE A 149 -15.81 7.47 -25.59
CB MSE A 149 -18.10 7.76 -23.46
CG MSE A 149 -18.53 7.05 -22.20
SE MSE A 149 -20.32 6.25 -22.39
CE MSE A 149 -21.31 7.92 -22.74
N GLU A 150 -16.05 9.73 -25.31
CA GLU A 150 -15.71 10.12 -26.69
C GLU A 150 -14.55 9.32 -27.21
N ASN A 151 -13.46 9.34 -26.46
CA ASN A 151 -12.19 8.73 -26.89
C ASN A 151 -11.86 7.32 -26.41
N ILE A 152 -12.86 6.58 -25.98
CA ILE A 152 -12.60 5.20 -25.59
C ILE A 152 -12.02 4.34 -26.72
N PRO A 153 -12.55 4.45 -27.97
CA PRO A 153 -11.92 3.63 -29.05
C PRO A 153 -10.46 4.00 -29.23
N ALA A 154 -10.19 5.29 -29.18
CA ALA A 154 -8.80 5.77 -29.37
C ALA A 154 -7.86 5.29 -28.27
N TYR A 155 -8.38 5.28 -27.05
CA TYR A 155 -7.63 4.83 -25.89
C TYR A 155 -7.16 3.40 -26.12
N TYR A 156 -8.05 2.49 -26.53
CA TYR A 156 -7.65 1.12 -26.70
C TYR A 156 -6.85 0.86 -28.01
N ALA A 157 -7.13 1.61 -29.09
CA ALA A 157 -6.22 1.63 -30.26
C ALA A 157 -4.78 2.01 -29.86
N ALA A 158 -4.63 3.04 -29.01
CA ALA A 158 -3.33 3.44 -28.48
C ALA A 158 -2.67 2.29 -27.67
N ALA A 159 -3.50 1.61 -26.89
CA ALA A 159 -3.02 0.51 -26.07
C ALA A 159 -2.40 -0.54 -26.99
N ARG A 160 -3.12 -0.93 -28.04
CA ARG A 160 -2.69 -2.00 -28.87
C ARG A 160 -1.44 -1.62 -29.70
N GLY A 161 -1.33 -0.35 -30.04
CA GLY A 161 -0.13 0.18 -30.74
C GLY A 161 1.10 0.31 -29.84
N ASN A 162 0.90 0.38 -28.53
CA ASN A 162 2.03 0.50 -27.57
C ASN A 162 2.52 -0.81 -27.02
N ILE A 163 1.61 -1.72 -26.81
CA ILE A 163 1.96 -2.98 -26.17
C ILE A 163 2.96 -3.72 -27.03
N SER A 164 4.00 -4.27 -26.43
CA SER A 164 5.03 -4.98 -27.15
C SER A 164 5.75 -5.95 -26.23
N GLN A 165 5.83 -7.21 -26.63
CA GLN A 165 6.40 -8.29 -25.81
C GLN A 165 5.83 -8.29 -24.41
N PRO A 166 4.53 -8.47 -24.29
CA PRO A 166 3.96 -8.42 -22.95
C PRO A 166 4.24 -9.67 -22.17
N THR A 167 4.14 -9.59 -20.85
CA THR A 167 4.17 -10.77 -20.02
C THR A 167 2.83 -11.48 -20.08
N LEU A 168 2.86 -12.78 -19.85
CA LEU A 168 1.63 -13.54 -19.88
C LEU A 168 0.73 -13.09 -18.72
N GLU A 169 1.34 -12.92 -17.56
CA GLU A 169 0.56 -12.65 -16.34
C GLU A 169 -0.19 -11.31 -16.42
N HIS A 170 0.46 -10.27 -16.93
CA HIS A 170 -0.22 -8.97 -16.94
C HIS A 170 -1.26 -8.95 -18.02
N THR A 171 -1.05 -9.74 -19.07
CA THR A 171 -2.04 -9.80 -20.14
C THR A 171 -3.31 -10.50 -19.63
N GLU A 172 -3.12 -11.49 -18.75
CA GLU A 172 -4.24 -12.25 -18.21
C GLU A 172 -4.98 -11.33 -17.28
N LEU A 173 -4.23 -10.58 -16.51
CA LEU A 173 -4.87 -9.62 -15.62
C LEU A 173 -5.70 -8.57 -16.44
N ALA A 174 -5.12 -8.09 -17.52
CA ALA A 174 -5.82 -7.15 -18.41
C ALA A 174 -7.18 -7.69 -18.85
N VAL A 175 -7.23 -8.98 -19.20
CA VAL A 175 -8.47 -9.58 -19.70
C VAL A 175 -9.57 -9.51 -18.60
N LEU A 176 -9.18 -9.96 -17.43
CA LEU A 176 -10.02 -10.00 -16.27
C LEU A 176 -10.47 -8.61 -15.81
N GLN A 177 -9.55 -7.65 -15.71
CA GLN A 177 -9.94 -6.33 -15.29
C GLN A 177 -10.80 -5.60 -16.32
N ASN A 178 -10.50 -5.76 -17.62
CA ASN A 178 -11.29 -5.10 -18.66
C ASN A 178 -12.66 -5.71 -18.81
N GLN A 179 -12.78 -7.00 -18.49
CA GLN A 179 -14.13 -7.64 -18.38
C GLN A 179 -14.94 -6.98 -17.28
N GLY A 180 -14.28 -6.59 -16.20
CA GLY A 180 -14.94 -5.87 -15.11
C GLY A 180 -15.40 -4.48 -15.50
N ALA A 181 -14.93 -3.95 -16.64
CA ALA A 181 -15.42 -2.65 -17.10
C ALA A 181 -16.97 -2.64 -17.23
N PHE A 182 -17.57 -3.80 -17.53
CA PHE A 182 -19.02 -3.88 -17.67
C PHE A 182 -19.82 -3.81 -16.39
N SER A 183 -19.17 -3.86 -15.23
CA SER A 183 -19.90 -3.56 -14.02
C SER A 183 -20.02 -2.01 -13.83
N VAL A 184 -19.32 -1.24 -14.66
CA VAL A 184 -19.42 0.22 -14.69
C VAL A 184 -20.26 0.59 -15.91
N PHE A 185 -19.91 0.07 -17.09
CA PHE A 185 -20.70 0.29 -18.30
C PHE A 185 -21.87 -0.69 -18.34
N SER A 186 -22.84 -0.44 -17.45
CA SER A 186 -23.93 -1.36 -17.13
C SER A 186 -25.33 -0.86 -17.49
N ASP A 187 -26.28 -1.79 -17.46
CA ASP A 187 -27.72 -1.47 -17.57
C ASP A 187 -28.12 -0.43 -16.52
N ASP A 188 -27.59 -0.56 -15.31
CA ASP A 188 -27.83 0.42 -14.25
C ASP A 188 -27.33 1.85 -14.58
N LEU A 189 -26.19 1.99 -15.26
CA LEU A 189 -25.76 3.32 -15.69
C LEU A 189 -26.72 3.87 -16.75
N LEU A 190 -27.16 3.02 -17.66
CA LEU A 190 -28.14 3.47 -18.65
C LEU A 190 -29.45 3.98 -18.02
N LYS A 191 -29.91 3.29 -16.98
CA LYS A 191 -31.12 3.68 -16.28
C LYS A 191 -30.92 5.03 -15.59
N GLN A 192 -29.80 5.21 -14.89
CA GLN A 192 -29.49 6.52 -14.31
C GLN A 192 -29.55 7.63 -15.37
N VAL A 193 -28.95 7.37 -16.53
CA VAL A 193 -28.98 8.37 -17.59
C VAL A 193 -30.43 8.63 -18.06
N ALA A 194 -31.18 7.57 -18.35
CA ALA A 194 -32.55 7.70 -18.85
C ALA A 194 -33.44 8.52 -17.92
N ASP A 195 -33.24 8.40 -16.60
CA ASP A 195 -34.14 9.04 -15.63
C ASP A 195 -33.56 10.32 -14.97
N SER A 196 -32.40 10.74 -15.48
CA SER A 196 -31.74 11.96 -15.05
C SER A 196 -32.40 13.21 -15.68
N GLY A 197 -31.85 14.37 -15.31
CA GLY A 197 -32.29 15.62 -15.81
C GLY A 197 -31.59 16.04 -17.08
N LEU A 198 -30.75 15.20 -17.68
CA LEU A 198 -30.15 15.55 -18.96
C LEU A 198 -31.23 15.78 -20.02
N SER A 199 -30.95 16.63 -20.99
CA SER A 199 -31.87 16.85 -22.12
C SER A 199 -32.03 15.56 -22.91
N ASP A 200 -33.13 15.46 -23.64
CA ASP A 200 -33.33 14.33 -24.54
C ASP A 200 -32.21 14.14 -25.57
N ALA A 201 -31.64 15.24 -26.05
CA ALA A 201 -30.51 15.18 -26.96
C ALA A 201 -29.28 14.57 -26.25
N GLU A 202 -29.02 15.00 -25.02
CA GLU A 202 -27.91 14.44 -24.26
C GLU A 202 -28.09 12.90 -24.00
N LYS A 203 -29.31 12.48 -23.72
CA LYS A 203 -29.59 11.06 -23.48
C LYS A 203 -29.27 10.24 -24.72
N ALA A 204 -29.67 10.74 -25.90
CA ALA A 204 -29.50 10.00 -27.14
C ALA A 204 -28.01 9.95 -27.49
N LEU A 205 -27.28 11.06 -27.27
CA LEU A 205 -25.85 11.07 -27.49
C LEU A 205 -25.15 10.05 -26.58
N PHE A 206 -25.65 9.99 -25.34
CA PHE A 206 -25.08 9.08 -24.36
C PHE A 206 -25.20 7.65 -24.87
N LYS A 207 -26.37 7.31 -25.41
CA LYS A 207 -26.61 5.95 -25.87
C LYS A 207 -25.69 5.60 -27.07
N THR A 208 -25.65 6.52 -28.03
CA THR A 208 -24.76 6.39 -29.17
C THR A 208 -23.32 6.17 -28.66
N ARG A 209 -22.82 7.03 -27.79
CA ARG A 209 -21.44 6.86 -27.33
C ARG A 209 -21.24 5.59 -26.54
N PHE A 210 -22.26 5.16 -25.81
CA PHE A 210 -22.15 3.98 -24.93
C PHE A 210 -22.06 2.71 -25.78
N ASP A 211 -22.80 2.68 -26.88
CA ASP A 211 -22.76 1.54 -27.76
C ASP A 211 -21.39 1.52 -28.45
N ILE A 212 -20.93 2.67 -28.94
CA ILE A 212 -19.58 2.71 -29.51
C ILE A 212 -18.53 2.24 -28.45
N ALA A 213 -18.68 2.69 -27.20
CA ALA A 213 -17.70 2.34 -26.17
C ALA A 213 -17.69 0.85 -25.85
N SER A 214 -18.89 0.28 -25.66
CA SER A 214 -19.08 -1.13 -25.39
C SER A 214 -18.49 -2.03 -26.48
N LYS A 215 -18.75 -1.67 -27.72
CA LYS A 215 -18.15 -2.35 -28.85
C LYS A 215 -16.59 -2.32 -28.77
N ALA A 216 -16.02 -1.14 -28.51
CA ALA A 216 -14.58 -1.00 -28.44
C ALA A 216 -13.98 -1.83 -27.29
N ILE A 217 -14.67 -1.87 -26.15
CA ILE A 217 -14.15 -2.60 -25.00
C ILE A 217 -14.19 -4.07 -25.33
N ASN A 218 -15.32 -4.57 -25.86
CA ASN A 218 -15.43 -5.95 -26.23
C ASN A 218 -14.42 -6.37 -27.29
N GLU A 219 -14.19 -5.52 -28.30
CA GLU A 219 -13.17 -5.83 -29.30
C GLU A 219 -11.78 -5.83 -28.70
N HIS A 220 -11.50 -4.94 -27.78
CA HIS A 220 -10.21 -5.00 -27.08
C HIS A 220 -10.05 -6.28 -26.27
N ILE A 221 -11.11 -6.71 -25.60
CA ILE A 221 -11.04 -7.96 -24.81
C ILE A 221 -10.78 -9.15 -25.74
N SER A 222 -11.38 -9.15 -26.95
CA SER A 222 -11.13 -10.22 -27.92
C SER A 222 -9.68 -10.19 -28.35
N TRP A 223 -9.17 -8.99 -28.57
CA TRP A 223 -7.78 -8.90 -28.92
C TRP A 223 -6.88 -9.41 -27.77
N LEU A 224 -7.18 -9.02 -26.55
CA LEU A 224 -6.42 -9.48 -25.38
C LEU A 224 -6.46 -11.01 -25.29
N ASN A 225 -7.62 -11.60 -25.55
CA ASN A 225 -7.75 -13.06 -25.54
C ASN A 225 -6.89 -13.71 -26.61
N ALA A 226 -6.87 -13.11 -27.81
CA ALA A 226 -5.99 -13.62 -28.85
C ALA A 226 -4.53 -13.51 -28.40
N GLN A 227 -4.16 -12.43 -27.71
CA GLN A 227 -2.78 -12.31 -27.22
C GLN A 227 -2.41 -13.40 -26.18
N VAL A 228 -3.25 -13.61 -25.18
CA VAL A 228 -3.00 -14.62 -24.15
C VAL A 228 -2.77 -15.99 -24.86
N SER A 229 -3.64 -16.30 -25.81
CA SER A 229 -3.54 -17.55 -26.51
C SER A 229 -2.18 -17.69 -27.24
N GLN A 230 -1.76 -16.65 -27.96
CA GLN A 230 -0.46 -16.60 -28.64
C GLN A 230 0.71 -16.71 -27.63
N LEU A 231 0.60 -16.00 -26.50
CA LEU A 231 1.66 -16.02 -25.48
C LEU A 231 1.80 -17.42 -24.85
N LYS A 232 0.68 -18.10 -24.65
CA LYS A 232 0.74 -19.47 -24.14
C LYS A 232 1.47 -20.42 -25.11
N LYS A 233 1.21 -20.29 -26.41
CA LYS A 233 1.88 -21.13 -27.42
C LYS A 233 3.37 -20.78 -27.65
N GLU A 234 3.69 -19.49 -27.79
CA GLU A 234 4.97 -19.03 -28.34
C GLU A 234 5.98 -18.62 -27.24
N GLY A 235 5.52 -18.49 -26.01
CA GLY A 235 6.35 -17.96 -24.94
C GLY A 235 6.12 -16.48 -24.78
N ALA A 236 6.61 -15.93 -23.69
CA ALA A 236 6.28 -14.57 -23.29
C ALA A 236 7.43 -14.00 -22.48
N ARG A 237 7.54 -12.68 -22.48
CA ARG A 237 8.45 -12.00 -21.57
C ARG A 237 8.27 -12.46 -20.09
N SER A 238 9.37 -12.63 -19.37
CA SER A 238 9.29 -13.03 -17.98
C SER A 238 8.68 -11.89 -17.17
N PHE A 239 7.96 -12.23 -16.12
CA PHE A 239 7.39 -11.28 -15.19
C PHE A 239 8.46 -10.75 -14.19
N ARG A 240 9.64 -11.39 -14.19
CA ARG A 240 10.70 -11.07 -13.25
C ARG A 240 11.48 -9.90 -13.82
N ILE A 241 11.57 -8.81 -13.08
CA ILE A 241 12.10 -7.58 -13.70
C ILE A 241 13.63 -7.52 -13.70
N GLY A 242 14.29 -8.35 -12.89
CA GLY A 242 15.77 -8.41 -12.88
C GLY A 242 16.44 -7.40 -11.94
N GLU A 243 17.72 -7.63 -11.65
CA GLU A 243 18.43 -6.83 -10.67
C GLU A 243 18.51 -5.31 -10.96
N GLU A 244 18.87 -4.94 -12.17
CA GLU A 244 19.09 -3.54 -12.49
C GLU A 244 17.80 -2.73 -12.30
N LEU A 245 16.70 -3.19 -12.88
CA LEU A 245 15.41 -2.51 -12.75
C LEU A 245 14.88 -2.54 -11.32
N TYR A 246 15.18 -3.62 -10.59
CA TYR A 246 14.64 -3.82 -9.27
C TYR A 246 15.26 -2.81 -8.34
N GLU A 247 16.58 -2.70 -8.36
CA GLU A 247 17.27 -1.70 -7.58
C GLU A 247 16.83 -0.27 -7.90
N GLN A 248 16.66 0.06 -9.18
CA GLN A 248 16.24 1.41 -9.55
C GLN A 248 14.81 1.62 -9.01
N LYS A 249 13.92 0.63 -9.20
CA LYS A 249 12.54 0.79 -8.71
C LYS A 249 12.48 0.93 -7.18
N PHE A 250 13.28 0.11 -6.52
CA PHE A 250 13.41 0.13 -5.07
C PHE A 250 13.88 1.51 -4.65
N ALA A 251 14.89 2.08 -5.30
CA ALA A 251 15.33 3.45 -4.91
C ALA A 251 14.20 4.48 -5.09
N PHE A 252 13.45 4.44 -6.19
CA PHE A 252 12.41 5.44 -6.45
C PHE A 252 11.18 5.27 -5.54
N ASP A 253 10.73 4.03 -5.35
CA ASP A 253 9.51 3.77 -4.58
C ASP A 253 9.74 3.87 -3.08
N ILE A 254 10.83 3.26 -2.57
CA ILE A 254 11.04 3.13 -1.11
C ILE A 254 11.90 4.28 -0.58
N GLN A 255 12.87 4.71 -1.36
CA GLN A 255 13.78 5.76 -0.98
C GLN A 255 14.49 5.43 0.31
N ALA A 256 14.87 4.18 0.42
CA ALA A 256 15.64 3.69 1.55
C ALA A 256 17.06 4.22 1.48
N GLY A 257 17.69 4.17 2.63
CA GLY A 257 19.09 4.49 2.80
C GLY A 257 19.97 3.29 2.63
N MSE A 258 19.52 2.29 1.88
CA MSE A 258 20.36 1.14 1.52
C MSE A 258 19.84 0.56 0.19
O MSE A 258 18.77 0.99 -0.31
CB MSE A 258 20.31 0.09 2.63
CG MSE A 258 18.96 -0.58 2.77
SE MSE A 258 18.79 -1.82 4.32
CE MSE A 258 17.91 -0.69 5.70
N THR A 259 20.61 -0.34 -0.42
CA THR A 259 20.12 -1.04 -1.63
C THR A 259 19.16 -2.18 -1.26
N ALA A 260 18.52 -2.75 -2.28
CA ALA A 260 17.58 -3.86 -2.08
C ALA A 260 18.39 -5.08 -1.65
N LYS A 261 19.57 -5.24 -2.23
CA LYS A 261 20.45 -6.36 -1.88
C LYS A 261 20.79 -6.24 -0.40
N GLN A 262 21.12 -5.04 0.05
CA GLN A 262 21.41 -4.89 1.47
C GLN A 262 20.22 -5.25 2.34
N LEU A 263 19.03 -4.83 1.97
CA LEU A 263 17.85 -5.15 2.78
C LEU A 263 17.60 -6.69 2.82
N TYR A 264 17.75 -7.32 1.66
CA TYR A 264 17.60 -8.78 1.56
C TYR A 264 18.57 -9.48 2.50
N GLN A 265 19.82 -9.07 2.49
CA GLN A 265 20.81 -9.69 3.38
C GLN A 265 20.42 -9.51 4.85
N LYS A 266 19.95 -8.33 5.22
CA LYS A 266 19.44 -8.12 6.56
C LYS A 266 18.20 -9.02 6.84
N ALA A 267 17.34 -9.19 5.85
CA ALA A 267 16.11 -9.98 6.04
C ALA A 267 16.46 -11.46 6.29
N MSE A 268 17.47 -11.93 5.60
CA MSE A 268 17.96 -13.33 5.78
C MSE A 268 18.49 -13.56 7.17
O MSE A 268 18.19 -14.58 7.76
CB MSE A 268 19.03 -13.69 4.75
CG MSE A 268 18.51 -13.87 3.30
SE MSE A 268 17.30 -15.39 2.99
CE MSE A 268 18.72 -16.78 2.82
N VAL A 269 19.27 -12.63 7.70
CA VAL A 269 19.75 -12.72 9.08
C VAL A 269 18.60 -12.60 10.10
N ASP A 270 17.69 -11.66 9.91
CA ASP A 270 16.59 -11.52 10.85
C ASP A 270 15.72 -12.78 10.91
N LYS A 271 15.48 -13.39 9.76
CA LYS A 271 14.70 -14.64 9.70
C LYS A 271 15.30 -15.67 10.63
N ASP A 272 16.59 -15.88 10.53
CA ASP A 272 17.27 -16.81 11.43
C ASP A 272 17.18 -16.44 12.91
N ARG A 273 17.43 -15.17 13.23
N ARG A 273 17.41 -15.17 13.25
CA ARG A 273 17.37 -14.71 14.62
CA ARG A 273 17.38 -14.77 14.65
C ARG A 273 15.95 -14.96 15.20
C ARG A 273 15.95 -14.88 15.24
N VAL A 274 14.92 -14.56 14.44
CA VAL A 274 13.53 -14.67 14.87
C VAL A 274 13.15 -16.15 15.10
N GLN A 275 13.40 -17.02 14.13
CA GLN A 275 13.15 -18.45 14.25
C GLN A 275 13.86 -19.10 15.46
N GLY A 276 15.10 -18.69 15.72
CA GLY A 276 15.85 -19.15 16.89
C GLY A 276 15.16 -18.76 18.18
N GLU A 277 14.69 -17.51 18.28
CA GLU A 277 13.94 -17.10 19.48
C GLU A 277 12.63 -17.88 19.63
N MSE A 278 11.91 -18.05 18.52
CA MSE A 278 10.71 -18.88 18.54
C MSE A 278 10.96 -20.32 19.00
O MSE A 278 10.12 -20.89 19.71
CB MSE A 278 10.06 -18.91 17.17
CG MSE A 278 9.47 -17.58 16.75
SE MSE A 278 8.90 -17.62 14.90
CE MSE A 278 7.04 -18.24 15.23
N ALA A 279 12.10 -20.91 18.60
CA ALA A 279 12.45 -22.26 19.00
C ALA A 279 12.64 -22.33 20.52
N LYS A 280 13.30 -21.33 21.09
CA LYS A 280 13.49 -21.25 22.54
C LYS A 280 12.18 -21.12 23.27
N ILE A 281 11.27 -20.28 22.78
CA ILE A 281 10.01 -20.13 23.46
C ILE A 281 9.25 -21.43 23.40
N THR A 282 9.34 -22.10 22.26
CA THR A 282 8.54 -23.28 22.03
C THR A 282 9.00 -24.37 22.98
N ASP A 283 10.32 -24.54 23.13
CA ASP A 283 10.90 -25.45 24.13
C ASP A 283 10.32 -25.21 25.55
N LYS A 284 10.23 -23.97 25.99
CA LYS A 284 9.75 -23.63 27.33
C LYS A 284 8.24 -23.86 27.47
N LEU A 285 7.48 -23.55 26.43
CA LEU A 285 6.02 -23.64 26.53
C LEU A 285 5.46 -25.02 26.22
N TRP A 286 6.20 -25.86 25.50
CA TRP A 286 5.66 -27.15 25.04
C TRP A 286 4.94 -27.99 26.08
N PRO A 287 5.58 -28.25 27.25
CA PRO A 287 4.86 -29.11 28.18
C PRO A 287 3.62 -28.45 28.74
N LYS A 288 3.52 -27.13 28.65
CA LYS A 288 2.38 -26.44 29.21
C LYS A 288 1.11 -26.68 28.38
N TYR A 289 1.26 -27.03 27.10
CA TYR A 289 0.10 -27.21 26.20
C TYR A 289 -0.06 -28.60 25.58
N PHE A 290 0.94 -29.46 25.72
CA PHE A 290 0.93 -30.79 25.09
C PHE A 290 1.38 -31.86 26.07
N THR A 291 0.83 -33.06 25.98
CA THR A 291 1.43 -34.22 26.70
C THR A 291 2.19 -35.16 25.73
N THR A 292 1.80 -35.14 24.47
CA THR A 292 2.50 -35.84 23.38
C THR A 292 3.96 -35.35 23.29
N PRO A 293 4.86 -36.17 22.71
CA PRO A 293 6.27 -35.73 22.60
C PRO A 293 6.48 -34.53 21.66
N LYS A 294 7.53 -33.75 21.92
CA LYS A 294 7.88 -32.56 21.14
C LYS A 294 8.77 -32.96 19.97
N PRO A 295 8.25 -32.80 18.75
CA PRO A 295 9.01 -33.16 17.56
C PRO A 295 10.41 -32.54 17.57
N SER A 296 11.40 -33.32 17.14
CA SER A 296 12.77 -32.84 17.10
C SER A 296 13.01 -31.74 16.09
N ASP A 297 12.31 -31.79 14.96
CA ASP A 297 12.37 -30.67 14.03
C ASP A 297 11.64 -29.46 14.67
N ASN A 298 12.44 -28.49 15.11
CA ASN A 298 11.96 -27.25 15.69
C ASN A 298 10.80 -26.64 14.93
N LYS A 299 10.87 -26.62 13.60
CA LYS A 299 9.88 -25.95 12.78
C LYS A 299 8.51 -26.62 12.79
N ILE A 300 8.47 -27.95 12.92
CA ILE A 300 7.20 -28.67 13.08
C ILE A 300 6.66 -28.36 14.48
N ALA A 301 7.52 -28.47 15.49
CA ALA A 301 7.16 -28.09 16.85
C ALA A 301 6.59 -26.67 16.94
N ILE A 302 7.29 -25.69 16.37
CA ILE A 302 6.81 -24.28 16.42
C ILE A 302 5.44 -24.15 15.75
N ARG A 303 5.27 -24.79 14.59
CA ARG A 303 4.02 -24.78 13.83
C ARG A 303 2.87 -25.39 14.62
N GLN A 304 3.16 -26.43 15.39
CA GLN A 304 2.13 -27.11 16.14
C GLN A 304 1.71 -26.34 17.36
N LEU A 305 2.67 -25.79 18.08
CA LEU A 305 2.36 -24.93 19.21
C LEU A 305 1.58 -23.73 18.72
N ILE A 306 2.00 -23.12 17.64
CA ILE A 306 1.25 -21.95 17.14
C ILE A 306 -0.18 -22.33 16.78
N ASP A 307 -0.37 -23.47 16.10
CA ASP A 307 -1.74 -23.88 15.68
C ASP A 307 -2.67 -24.07 16.90
N LYS A 308 -2.09 -24.60 17.96
CA LYS A 308 -2.78 -24.80 19.21
C LYS A 308 -3.13 -23.49 19.94
N LEU A 309 -2.15 -22.60 20.06
CA LEU A 309 -2.41 -21.30 20.66
C LEU A 309 -3.46 -20.52 19.86
N SER A 310 -3.50 -20.71 18.54
CA SER A 310 -4.40 -19.95 17.70
C SER A 310 -5.86 -20.29 17.97
N THR A 311 -6.13 -21.39 18.64
CA THR A 311 -7.49 -21.66 19.03
C THR A 311 -7.99 -20.79 20.17
N LYS A 312 -7.14 -20.00 20.84
CA LYS A 312 -7.66 -19.05 21.82
C LYS A 312 -7.94 -17.75 21.08
N HIS A 313 -9.21 -17.37 20.98
CA HIS A 313 -9.55 -16.16 20.25
C HIS A 313 -10.83 -15.62 20.75
N VAL A 314 -11.11 -14.37 20.40
CA VAL A 314 -12.37 -13.77 20.82
C VAL A 314 -13.50 -14.53 20.15
N LYS A 315 -14.63 -14.64 20.83
CA LYS A 315 -15.86 -15.18 20.25
C LYS A 315 -16.26 -14.28 19.10
N ARG A 316 -16.75 -14.90 18.05
CA ARG A 316 -17.03 -14.26 16.80
C ARG A 316 -17.90 -13.02 16.91
N ASP A 317 -19.04 -13.15 17.57
N ASP A 317 -19.05 -13.11 17.57
CA ASP A 317 -20.01 -12.06 17.70
CA ASP A 317 -19.97 -11.96 17.66
C ASP A 317 -19.48 -10.87 18.57
C ASP A 317 -19.54 -10.89 18.68
N ASP A 318 -18.40 -11.10 19.35
CA ASP A 318 -17.77 -10.05 20.14
C ASP A 318 -16.53 -9.42 19.51
N PHE A 319 -16.25 -9.68 18.25
CA PHE A 319 -15.03 -9.26 17.62
C PHE A 319 -14.88 -7.72 17.72
N VAL A 320 -15.90 -7.04 17.25
CA VAL A 320 -15.93 -5.56 17.16
C VAL A 320 -15.87 -4.93 18.57
N SER A 321 -16.66 -5.40 19.51
CA SER A 321 -16.55 -5.00 20.91
C SER A 321 -15.19 -5.24 21.52
N GLU A 322 -14.50 -6.34 21.16
CA GLU A 322 -13.18 -6.61 21.75
C GLU A 322 -12.24 -5.51 21.26
N VAL A 323 -12.41 -5.12 20.00
CA VAL A 323 -11.62 -4.04 19.46
C VAL A 323 -11.87 -2.73 20.17
N ARG A 324 -13.15 -2.38 20.40
CA ARG A 324 -13.46 -1.14 21.12
C ARG A 324 -12.89 -1.14 22.53
N LYS A 325 -12.95 -2.29 23.18
CA LYS A 325 -12.41 -2.41 24.54
C LYS A 325 -10.86 -2.24 24.55
N GLN A 326 -10.20 -2.74 23.51
CA GLN A 326 -8.72 -2.75 23.48
C GLN A 326 -8.12 -1.38 23.26
N ILE A 327 -8.75 -0.56 22.45
CA ILE A 327 -8.14 0.70 22.11
C ILE A 327 -7.87 1.57 23.36
N PRO A 328 -8.86 1.73 24.27
CA PRO A 328 -8.55 2.47 25.49
C PRO A 328 -7.53 1.79 26.38
N GLU A 329 -7.38 0.48 26.28
CA GLU A 329 -6.34 -0.21 27.03
C GLU A 329 -4.93 0.13 26.48
N LEU A 330 -4.81 0.25 25.18
CA LEU A 330 -3.55 0.64 24.57
C LEU A 330 -3.24 2.11 24.90
N ILE A 331 -4.26 2.98 24.87
CA ILE A 331 -4.12 4.38 25.24
C ILE A 331 -3.56 4.47 26.65
N GLU A 332 -4.14 3.70 27.56
CA GLU A 332 -3.72 3.71 28.96
C GLU A 332 -2.27 3.25 29.04
N PHE A 333 -1.95 2.17 28.34
CA PHE A 333 -0.59 1.67 28.40
C PHE A 333 0.42 2.71 27.86
N VAL A 334 0.13 3.34 26.74
CA VAL A 334 1.04 4.32 26.16
C VAL A 334 1.25 5.51 27.08
N ASN A 335 0.17 5.95 27.71
CA ASN A 335 0.29 7.01 28.72
C ASN A 335 1.07 6.60 29.93
N GLN A 336 0.74 5.45 30.49
CA GLN A 336 1.45 5.00 31.67
C GLN A 336 2.95 4.88 31.41
N LYS A 337 3.34 4.38 30.24
CA LYS A 337 4.74 4.10 29.95
C LYS A 337 5.45 5.26 29.26
N ASN A 338 4.72 6.36 29.04
CA ASN A 338 5.32 7.54 28.43
C ASN A 338 5.93 7.29 27.08
N ILE A 339 5.22 6.57 26.23
CA ILE A 339 5.72 6.22 24.94
C ILE A 339 5.58 7.39 23.93
N VAL A 340 4.44 8.08 23.95
CA VAL A 340 4.19 9.18 23.02
C VAL A 340 2.97 9.95 23.52
N THR A 341 2.94 11.27 23.40
CA THR A 341 1.76 12.04 23.82
C THR A 341 0.58 11.70 22.92
N LEU A 342 -0.53 11.31 23.52
CA LEU A 342 -1.80 11.15 22.82
C LEU A 342 -2.77 12.24 23.25
N ASP A 343 -3.62 12.74 22.34
CA ASP A 343 -4.61 13.78 22.69
C ASP A 343 -5.98 13.15 23.01
N PRO A 344 -6.42 13.15 24.29
CA PRO A 344 -7.71 12.49 24.65
C PRO A 344 -8.98 12.96 23.89
N LYS A 345 -8.94 14.18 23.33
CA LYS A 345 -10.08 14.76 22.59
C LYS A 345 -10.03 14.53 21.06
N LYS A 346 -9.16 13.62 20.63
CA LYS A 346 -9.23 13.06 19.28
C LYS A 346 -9.54 11.55 19.43
N PRO A 347 -10.71 11.22 20.04
CA PRO A 347 -10.98 9.81 20.35
C PRO A 347 -11.29 9.05 19.05
N LEU A 348 -10.70 7.87 18.90
CA LEU A 348 -10.84 7.12 17.64
C LEU A 348 -12.15 6.37 17.62
N VAL A 349 -12.92 6.56 16.57
CA VAL A 349 -14.22 5.93 16.47
C VAL A 349 -14.14 4.59 15.74
N VAL A 350 -14.45 3.50 16.44
CA VAL A 350 -14.45 2.22 15.77
C VAL A 350 -15.77 2.09 15.12
N ARG A 351 -15.78 1.68 13.86
CA ARG A 351 -17.01 1.46 13.13
C ARG A 351 -16.90 0.17 12.36
N GLU A 352 -18.05 -0.44 12.20
CA GLU A 352 -18.19 -1.69 11.49
C GLU A 352 -18.06 -1.36 9.98
N THR A 353 -17.06 -1.97 9.32
CA THR A 353 -16.63 -1.58 7.97
C THR A 353 -17.76 -1.54 6.99
N PRO A 354 -17.93 -0.41 6.29
CA PRO A 354 -18.86 -0.40 5.15
C PRO A 354 -18.24 -0.98 3.86
N GLU A 355 -18.98 -1.89 3.21
CA GLU A 355 -18.66 -2.42 1.88
C GLU A 355 -17.16 -2.36 1.48
N ALA A 361 -9.31 -4.91 8.99
CA ALA A 361 -9.30 -3.76 9.90
C ALA A 361 -8.30 -2.71 9.46
N SER A 362 -8.77 -1.49 9.19
CA SER A 362 -7.88 -0.37 8.79
C SER A 362 -8.47 1.02 9.06
N ILE A 363 -7.59 2.02 9.06
CA ILE A 363 -7.98 3.40 9.29
C ILE A 363 -8.41 4.01 7.98
N SER A 364 -9.55 4.67 7.92
CA SER A 364 -9.87 5.44 6.74
C SER A 364 -10.00 6.89 7.11
N ALA A 365 -9.40 7.70 6.28
CA ALA A 365 -9.17 9.07 6.63
C ALA A 365 -9.36 9.86 5.34
N PRO A 366 -9.73 11.14 5.46
CA PRO A 366 -9.96 11.97 4.27
C PRO A 366 -8.70 12.23 3.48
N GLY A 367 -8.83 12.31 2.17
CA GLY A 367 -7.76 12.81 1.31
C GLY A 367 -7.53 14.31 1.49
N PRO A 368 -6.45 14.83 0.88
CA PRO A 368 -6.05 16.22 0.97
C PRO A 368 -7.07 17.21 0.44
N TYR A 369 -7.94 16.82 -0.49
CA TYR A 369 -8.97 17.74 -0.97
C TYR A 369 -10.32 17.57 -0.27
N ASP A 370 -10.42 16.63 0.66
CA ASP A 370 -11.65 16.38 1.38
C ASP A 370 -11.56 17.02 2.77
N LYS A 371 -12.10 18.22 2.89
CA LYS A 371 -12.04 18.99 4.14
C LYS A 371 -13.13 18.56 5.15
N LEU A 372 -14.25 18.05 4.63
CA LEU A 372 -15.35 17.53 5.45
C LEU A 372 -14.92 16.29 6.22
N GLY A 373 -14.65 15.22 5.46
CA GLY A 373 -14.62 13.83 5.95
C GLY A 373 -14.00 13.54 7.30
N ASN A 374 -14.55 12.54 7.98
CA ASN A 374 -14.07 12.14 9.29
C ASN A 374 -13.10 10.94 9.21
N THR A 375 -12.41 10.63 10.31
CA THR A 375 -11.46 9.50 10.37
C THR A 375 -12.03 8.39 11.23
N TYR A 376 -12.10 7.18 10.68
CA TYR A 376 -12.55 5.98 11.42
C TYR A 376 -11.57 4.79 11.43
N TYR A 377 -11.77 3.88 12.40
CA TYR A 377 -11.16 2.56 12.38
C TYR A 377 -12.22 1.56 11.88
N ASN A 378 -12.10 1.19 10.60
CA ASN A 378 -12.95 0.20 9.95
C ASN A 378 -12.59 -1.22 10.39
N VAL A 379 -13.48 -1.86 11.12
CA VAL A 379 -13.27 -3.22 11.60
C VAL A 379 -14.45 -4.01 11.06
N THR A 380 -14.18 -5.02 10.22
CA THR A 380 -15.27 -5.77 9.60
C THR A 380 -15.85 -6.83 10.51
N PRO A 381 -17.16 -6.68 10.90
CA PRO A 381 -17.78 -7.82 11.58
C PRO A 381 -17.73 -9.09 10.70
N LEU A 382 -17.84 -10.22 11.40
CA LEU A 382 -17.78 -11.51 10.77
C LEU A 382 -19.23 -11.97 10.59
N ASP A 383 -19.87 -11.41 9.56
CA ASP A 383 -21.17 -11.85 9.06
C ASP A 383 -20.95 -12.03 7.57
N GLY A 384 -21.76 -12.86 6.95
CA GLY A 384 -21.61 -13.14 5.51
C GLY A 384 -20.75 -14.38 5.29
N MSE A 385 -19.53 -14.32 5.82
CA MSE A 385 -18.64 -15.49 5.93
C MSE A 385 -19.40 -16.74 6.48
O MSE A 385 -20.37 -16.62 7.25
CB MSE A 385 -17.44 -15.15 6.83
CG MSE A 385 -16.43 -14.10 6.28
SE MSE A 385 -14.68 -14.04 7.27
CE MSE A 385 -13.68 -12.79 6.13
N SER A 386 -18.96 -17.92 6.05
CA SER A 386 -19.35 -19.19 6.64
C SER A 386 -18.81 -19.30 8.08
N ASN A 387 -19.41 -20.17 8.87
CA ASN A 387 -18.84 -20.48 10.18
C ASN A 387 -17.35 -20.82 10.04
N GLU A 388 -16.99 -21.56 8.99
CA GLU A 388 -15.65 -22.10 8.84
C GLU A 388 -14.66 -20.99 8.47
N SER A 389 -15.02 -20.11 7.55
CA SER A 389 -14.15 -18.97 7.25
C SER A 389 -13.98 -18.07 8.49
N ALA A 390 -15.06 -17.85 9.24
CA ALA A 390 -15.02 -17.00 10.41
C ALA A 390 -14.05 -17.62 11.41
N GLU A 391 -14.11 -18.94 11.56
CA GLU A 391 -13.22 -19.58 12.48
C GLU A 391 -11.78 -19.42 11.99
N SER A 392 -11.53 -19.57 10.69
CA SER A 392 -10.15 -19.40 10.19
C SER A 392 -9.63 -17.99 10.43
N TYR A 393 -10.51 -17.01 10.26
CA TYR A 393 -10.16 -15.63 10.46
C TYR A 393 -9.82 -15.38 11.91
N LEU A 394 -10.62 -15.90 12.83
CA LEU A 394 -10.38 -15.72 14.25
C LEU A 394 -9.13 -16.44 14.70
N ARG A 395 -8.76 -17.53 14.05
CA ARG A 395 -7.47 -18.14 14.35
C ARG A 395 -6.25 -17.29 13.93
N GLU A 396 -6.37 -16.62 12.79
N GLU A 396 -6.35 -16.62 12.80
CA GLU A 396 -5.36 -15.68 12.33
CA GLU A 396 -5.32 -15.69 12.39
C GLU A 396 -5.33 -14.51 13.32
C GLU A 396 -5.33 -14.50 13.36
N TYR A 397 -6.49 -13.91 13.58
CA TYR A 397 -6.61 -12.77 14.53
C TYR A 397 -6.98 -13.19 15.95
N ASN A 398 -6.12 -14.02 16.49
CA ASN A 398 -6.33 -14.69 17.76
C ASN A 398 -6.09 -13.77 19.00
N HIS A 399 -6.11 -14.32 20.21
CA HIS A 399 -6.06 -13.51 21.44
C HIS A 399 -4.87 -12.56 21.44
N TRP A 400 -3.74 -13.04 20.96
CA TRP A 400 -2.54 -12.22 20.85
C TRP A 400 -2.46 -11.37 19.61
N ILE A 401 -2.74 -11.94 18.45
CA ILE A 401 -2.52 -11.22 17.20
C ILE A 401 -3.50 -10.06 17.07
N LEU A 402 -4.70 -10.19 17.60
CA LEU A 402 -5.67 -9.10 17.59
C LEU A 402 -5.13 -7.85 18.33
N GLN A 403 -4.35 -8.05 19.40
CA GLN A 403 -3.78 -6.96 20.16
C GLN A 403 -2.65 -6.30 19.34
N ILE A 404 -1.79 -7.12 18.74
CA ILE A 404 -0.78 -6.62 17.81
C ILE A 404 -1.38 -5.88 16.61
N LEU A 405 -2.48 -6.38 16.05
CA LEU A 405 -3.17 -5.66 14.96
C LEU A 405 -3.64 -4.26 15.39
N ASN A 406 -4.18 -4.16 16.59
CA ASN A 406 -4.68 -2.89 17.10
C ASN A 406 -3.54 -1.90 17.43
N ILE A 407 -2.36 -2.41 17.82
CA ILE A 407 -1.19 -1.60 17.96
C ILE A 407 -0.80 -1.03 16.60
N HIS A 408 -0.70 -1.91 15.60
CA HIS A 408 -0.27 -1.57 14.25
C HIS A 408 -1.20 -0.55 13.66
N GLU A 409 -2.49 -0.80 13.76
CA GLU A 409 -3.49 0.01 13.06
C GLU A 409 -3.89 1.28 13.78
N ALA A 410 -3.89 1.24 15.10
CA ALA A 410 -4.50 2.30 15.88
C ALA A 410 -3.50 2.99 16.81
N ILE A 411 -3.09 2.34 17.89
CA ILE A 411 -2.34 3.04 18.90
C ILE A 411 -1.15 2.26 19.38
N PRO A 412 0.08 2.78 19.20
CA PRO A 412 0.50 4.03 18.63
C PRO A 412 0.94 3.91 17.16
N GLY A 413 0.32 3.00 16.40
CA GLY A 413 0.62 2.84 14.98
C GLY A 413 -0.04 3.83 14.01
N HIS A 414 -0.75 3.30 13.01
CA HIS A 414 -1.22 4.19 11.92
C HIS A 414 -2.00 5.38 12.35
N TYR A 415 -2.95 5.22 13.27
CA TYR A 415 -3.82 6.38 13.59
C TYR A 415 -3.00 7.47 14.28
N THR A 416 -2.16 7.06 15.21
CA THR A 416 -1.31 7.99 15.91
C THR A 416 -0.39 8.74 14.98
N GLN A 417 0.26 8.01 14.07
CA GLN A 417 1.14 8.63 13.10
C GLN A 417 0.38 9.60 12.19
N LEU A 418 -0.86 9.27 11.84
CA LEU A 418 -1.67 10.18 11.01
C LEU A 418 -1.99 11.48 11.76
N VAL A 419 -2.39 11.37 13.02
CA VAL A 419 -2.62 12.58 13.83
C VAL A 419 -1.36 13.44 13.89
N TYR A 420 -0.20 12.82 14.16
CA TYR A 420 1.02 13.60 14.20
C TYR A 420 1.29 14.27 12.86
N SER A 421 1.07 13.55 11.75
CA SER A 421 1.28 14.15 10.43
C SER A 421 0.28 15.26 10.09
N ASN A 422 -0.87 15.30 10.75
CA ASN A 422 -1.75 16.43 10.59
C ASN A 422 -1.24 17.71 11.34
N GLU A 423 -0.23 17.61 12.24
CA GLU A 423 0.39 18.78 12.94
C GLU A 423 0.98 19.72 11.85
N SER A 424 1.80 19.21 10.92
CA SER A 424 2.46 20.06 9.91
C SER A 424 2.27 19.61 8.44
N PRO A 425 1.04 19.66 7.94
CA PRO A 425 0.78 19.02 6.65
C PRO A 425 1.27 19.81 5.41
N SER A 426 1.43 19.11 4.30
CA SER A 426 1.59 19.79 3.03
C SER A 426 0.89 18.99 1.97
N LEU A 427 0.42 19.69 0.95
CA LEU A 427 -0.25 19.02 -0.17
C LEU A 427 0.67 17.99 -0.80
N VAL A 428 1.93 18.33 -1.06
CA VAL A 428 2.89 17.38 -1.61
C VAL A 428 3.07 16.09 -0.79
N LYS A 429 3.22 16.20 0.52
N LYS A 429 3.23 16.22 0.52
CA LYS A 429 3.33 15.02 1.36
CA LYS A 429 3.34 15.07 1.41
C LYS A 429 2.06 14.22 1.38
C LYS A 429 2.07 14.24 1.41
N SER A 430 0.91 14.89 1.36
CA SER A 430 -0.36 14.17 1.37
C SER A 430 -0.51 13.37 0.08
N LEU A 431 -0.12 13.93 -1.06
CA LEU A 431 -0.22 13.23 -2.34
C LEU A 431 0.87 12.22 -2.59
N PHE A 432 2.11 12.52 -2.20
CA PHE A 432 3.23 11.71 -2.66
C PHE A 432 4.12 11.24 -1.55
N GLY A 433 3.53 10.99 -0.40
CA GLY A 433 4.28 10.59 0.78
C GLY A 433 4.78 9.17 0.70
N ASN A 434 5.64 8.79 1.63
CA ASN A 434 6.39 7.53 1.53
C ASN A 434 5.71 6.42 2.27
N GLY A 435 5.27 5.41 1.54
CA GLY A 435 4.59 4.25 2.09
C GLY A 435 5.48 3.45 3.02
N ALA A 436 6.76 3.35 2.70
CA ALA A 436 7.69 2.62 3.56
C ALA A 436 7.74 3.20 4.97
N MSE A 437 7.73 4.53 5.09
CA MSE A 437 7.80 5.19 6.42
C MSE A 437 6.52 4.89 7.18
O MSE A 437 6.58 4.51 8.32
CB MSE A 437 8.02 6.70 6.30
CG MSE A 437 8.04 7.49 7.63
SE MSE A 437 6.20 7.93 8.20
CE MSE A 437 6.66 8.72 9.97
N VAL A 438 5.36 5.00 6.51
CA VAL A 438 4.05 4.86 7.13
C VAL A 438 3.88 3.44 7.64
N GLU A 439 4.20 2.49 6.80
CA GLU A 439 4.12 1.10 7.22
C GLU A 439 5.23 0.72 8.20
N GLY A 440 6.47 1.16 7.92
CA GLY A 440 7.60 0.88 8.83
C GLY A 440 7.33 1.33 10.25
N TRP A 441 6.74 2.53 10.40
CA TRP A 441 6.34 3.02 11.69
C TRP A 441 5.39 2.05 12.37
N ALA A 442 4.34 1.61 11.66
CA ALA A 442 3.36 0.75 12.28
C ALA A 442 3.99 -0.55 12.72
N VAL A 443 4.85 -1.15 11.88
CA VAL A 443 5.60 -2.40 12.26
C VAL A 443 6.53 -2.18 13.45
N TYR A 444 7.24 -1.06 13.44
CA TYR A 444 8.13 -0.67 14.56
C TYR A 444 7.34 -0.60 15.85
N THR A 445 6.13 -0.05 15.82
CA THR A 445 5.40 0.09 17.09
C THR A 445 5.08 -1.24 17.77
N GLU A 446 4.86 -2.28 16.98
CA GLU A 446 4.60 -3.58 17.52
C GLU A 446 5.81 -4.05 18.40
N ARG A 447 6.99 -3.92 17.85
CA ARG A 447 8.18 -4.34 18.55
C ARG A 447 8.44 -3.47 19.78
N MSE A 448 8.40 -2.16 19.57
CA MSE A 448 8.64 -1.19 20.64
C MSE A 448 7.65 -1.41 21.80
O MSE A 448 8.07 -1.45 22.93
CB MSE A 448 8.52 0.23 20.09
CG MSE A 448 8.77 1.34 21.07
SE MSE A 448 7.10 1.80 21.97
CE MSE A 448 6.14 2.62 20.45
N MSE A 449 6.36 -1.57 21.51
CA MSE A 449 5.38 -1.82 22.63
C MSE A 449 5.71 -3.07 23.46
O MSE A 449 5.62 -3.01 24.68
CB MSE A 449 3.95 -1.97 22.11
CG MSE A 449 3.42 -0.69 21.52
SE MSE A 449 2.84 0.55 22.93
CE MSE A 449 0.97 -0.17 23.12
N LEU A 450 6.07 -4.17 22.81
CA LEU A 450 6.43 -5.36 23.52
C LEU A 450 7.72 -5.14 24.29
N GLU A 451 8.71 -4.52 23.67
CA GLU A 451 9.98 -4.23 24.36
C GLU A 451 9.74 -3.40 25.62
N GLU A 452 8.75 -2.50 25.57
CA GLU A 452 8.46 -1.60 26.70
C GLU A 452 7.55 -2.27 27.73
N GLY A 453 7.21 -3.53 27.49
CA GLY A 453 6.51 -4.30 28.50
C GLY A 453 5.06 -4.60 28.21
N TYR A 454 4.57 -4.32 27.00
CA TYR A 454 3.19 -4.66 26.69
C TYR A 454 3.00 -6.20 26.74
N GLY A 455 1.99 -6.62 27.49
CA GLY A 455 1.72 -8.03 27.78
C GLY A 455 2.69 -8.62 28.78
N ASN A 456 3.52 -7.76 29.37
CA ASN A 456 4.43 -8.15 30.42
C ASN A 456 5.36 -9.32 30.08
N PHE A 457 5.97 -9.26 28.89
CA PHE A 457 6.91 -10.28 28.44
C PHE A 457 6.36 -11.72 28.48
N GLU A 458 5.06 -11.88 28.26
CA GLU A 458 4.42 -13.21 28.19
C GLU A 458 4.96 -14.01 27.00
N PRO A 459 5.46 -15.23 27.23
CA PRO A 459 6.09 -15.96 26.12
C PRO A 459 5.14 -16.21 24.96
N GLU A 460 3.87 -16.49 25.23
CA GLU A 460 2.85 -16.72 24.18
C GLU A 460 2.74 -15.50 23.24
N MSE A 461 2.72 -14.32 23.84
CA MSE A 461 2.60 -13.07 23.12
C MSE A 461 3.82 -12.90 22.23
O MSE A 461 3.69 -12.64 21.05
CB MSE A 461 2.47 -11.89 24.11
CG MSE A 461 2.60 -10.49 23.47
SE MSE A 461 1.11 -10.16 22.25
CE MSE A 461 -0.04 -9.44 23.64
N TRP A 462 5.00 -13.09 22.78
CA TRP A 462 6.22 -12.99 21.97
C TRP A 462 6.26 -13.97 20.82
N LEU A 463 5.83 -15.20 21.07
CA LEU A 463 5.84 -16.22 20.04
C LEU A 463 4.96 -15.80 18.87
N MSE A 464 3.76 -15.29 19.19
CA MSE A 464 2.79 -14.89 18.21
C MSE A 464 3.27 -13.64 17.47
O MSE A 464 3.14 -13.57 16.25
CB MSE A 464 1.42 -14.63 18.83
CG MSE A 464 0.69 -15.86 19.33
SE MSE A 464 0.38 -17.31 17.94
CE MSE A 464 -0.05 -16.27 16.44
N TYR A 465 3.84 -12.68 18.18
CA TYR A 465 4.49 -11.54 17.55
C TYR A 465 5.56 -11.98 16.53
N TYR A 466 6.40 -12.91 16.92
CA TYR A 466 7.43 -13.37 16.03
C TYR A 466 6.86 -13.98 14.73
N LYS A 467 5.74 -14.72 14.80
CA LYS A 467 5.19 -15.27 13.56
C LYS A 467 4.75 -14.14 12.65
N TRP A 468 4.12 -13.14 13.27
CA TRP A 468 3.72 -11.92 12.59
C TRP A 468 4.88 -11.18 11.99
N ASN A 469 5.96 -11.01 12.72
CA ASN A 469 7.15 -10.38 12.19
C ASN A 469 7.71 -11.14 10.99
N LEU A 470 7.67 -12.48 11.05
CA LEU A 470 8.15 -13.27 9.90
C LEU A 470 7.42 -12.96 8.58
N ARG A 471 6.15 -12.59 8.64
CA ARG A 471 5.40 -12.17 7.44
C ARG A 471 6.16 -11.04 6.71
N VAL A 472 6.59 -10.07 7.50
CA VAL A 472 7.21 -8.87 6.98
C VAL A 472 8.60 -9.17 6.42
N ILE A 473 9.37 -9.94 7.17
CA ILE A 473 10.70 -10.39 6.76
C ILE A 473 10.60 -11.24 5.47
N CYS A 474 9.74 -12.26 5.49
CA CYS A 474 9.61 -13.13 4.34
C CYS A 474 8.96 -12.47 3.13
N ASN A 475 8.18 -11.40 3.33
CA ASN A 475 7.69 -10.62 2.18
C ASN A 475 8.86 -10.05 1.35
N THR A 476 9.91 -9.60 2.04
CA THR A 476 11.11 -9.03 1.43
C THR A 476 11.92 -10.11 0.74
N ILE A 477 12.16 -11.21 1.42
CA ILE A 477 12.86 -12.35 0.82
C ILE A 477 12.17 -12.81 -0.48
N LEU A 478 10.86 -12.92 -0.43
CA LEU A 478 10.08 -13.42 -1.52
C LEU A 478 10.14 -12.46 -2.70
N ASP A 479 9.88 -11.18 -2.43
CA ASP A 479 9.79 -10.23 -3.54
C ASP A 479 11.12 -10.13 -4.28
N TYR A 480 12.20 -10.05 -3.49
CA TYR A 480 13.55 -9.93 -4.01
C TYR A 480 13.96 -11.19 -4.74
N SER A 481 13.76 -12.34 -4.09
CA SER A 481 14.22 -13.60 -4.69
C SER A 481 13.52 -13.91 -6.00
N ILE A 482 12.24 -13.58 -6.10
CA ILE A 482 11.47 -13.80 -7.33
C ILE A 482 12.00 -12.94 -8.48
N HIS A 483 12.21 -11.66 -8.24
CA HIS A 483 12.58 -10.72 -9.28
C HIS A 483 14.06 -10.67 -9.61
N VAL A 484 14.90 -11.08 -8.65
CA VAL A 484 16.33 -10.96 -8.77
C VAL A 484 17.01 -12.31 -8.83
N LYS A 485 16.46 -13.31 -8.15
CA LYS A 485 17.20 -14.57 -7.95
C LYS A 485 16.48 -15.78 -8.53
N GLY A 486 15.47 -15.55 -9.37
CA GLY A 486 14.74 -16.67 -10.01
C GLY A 486 14.05 -17.67 -9.09
N MSE A 487 13.55 -17.24 -7.93
CA MSE A 487 12.84 -18.18 -7.03
C MSE A 487 11.62 -18.73 -7.75
O MSE A 487 10.90 -17.98 -8.41
CB MSE A 487 12.44 -17.47 -5.74
CG MSE A 487 11.50 -18.22 -4.83
SE MSE A 487 11.16 -17.28 -3.15
CE MSE A 487 12.64 -17.94 -2.07
N THR A 488 11.39 -20.04 -7.65
CA THR A 488 10.25 -20.70 -8.30
C THR A 488 9.00 -20.65 -7.45
N GLU A 489 7.86 -20.95 -8.06
CA GLU A 489 6.60 -20.97 -7.35
C GLU A 489 6.67 -21.91 -6.15
N GLU A 490 7.19 -23.13 -6.35
CA GLU A 490 7.32 -24.11 -5.26
C GLU A 490 8.24 -23.60 -4.15
N GLN A 491 9.38 -22.99 -4.51
CA GLN A 491 10.23 -22.38 -3.47
C GLN A 491 9.50 -21.26 -2.74
N ALA A 492 8.72 -20.45 -3.45
CA ALA A 492 8.05 -19.31 -2.79
C ALA A 492 7.02 -19.83 -1.81
N ILE A 493 6.28 -20.85 -2.22
CA ILE A 493 5.25 -21.45 -1.34
C ILE A 493 5.88 -22.07 -0.06
N ALA A 494 7.02 -22.76 -0.22
CA ALA A 494 7.72 -23.42 0.90
C ALA A 494 8.29 -22.34 1.83
N LEU A 495 8.80 -21.21 1.30
CA LEU A 495 9.18 -20.08 2.15
C LEU A 495 8.01 -19.61 3.04
N MSE A 496 6.89 -19.31 2.41
CA MSE A 496 5.81 -18.70 3.14
C MSE A 496 5.22 -19.70 4.14
O MSE A 496 4.84 -19.34 5.23
CB MSE A 496 4.72 -18.14 2.20
CG MSE A 496 5.09 -16.91 1.30
SE MSE A 496 6.29 -15.49 2.03
CE MSE A 496 5.08 -14.68 3.33
N MSE A 497 5.18 -20.99 3.80
CA MSE A 497 4.53 -21.96 4.68
C MSE A 497 5.48 -22.55 5.70
O MSE A 497 5.13 -22.67 6.86
CB MSE A 497 3.89 -23.08 3.86
CG MSE A 497 2.76 -22.64 2.94
SE MSE A 497 1.76 -24.19 2.14
CE MSE A 497 1.56 -25.28 3.74
N ASP A 498 6.68 -22.91 5.27
CA ASP A 498 7.64 -23.61 6.15
C ASP A 498 8.51 -22.67 7.00
N GLU A 499 8.83 -21.50 6.46
CA GLU A 499 9.69 -20.54 7.17
C GLU A 499 8.86 -19.52 7.93
N ALA A 500 7.74 -19.09 7.35
CA ALA A 500 6.84 -18.09 7.94
C ALA A 500 5.56 -18.65 8.51
N PHE A 501 5.38 -19.97 8.47
CA PHE A 501 4.25 -20.64 9.12
C PHE A 501 2.88 -20.15 8.65
N GLN A 502 2.78 -19.79 7.38
CA GLN A 502 1.49 -19.43 6.78
C GLN A 502 0.71 -20.59 6.14
N GLN A 503 -0.57 -20.36 5.96
CA GLN A 503 -1.48 -21.28 5.29
C GLN A 503 -1.28 -21.23 3.78
N ARG A 504 -1.79 -22.28 3.15
CA ARG A 504 -1.67 -22.46 1.73
C ARG A 504 -2.21 -21.28 0.92
N ALA A 505 -3.44 -20.91 1.22
CA ALA A 505 -4.11 -19.87 0.49
C ALA A 505 -3.34 -18.54 0.62
N GLU A 506 -2.83 -18.25 1.82
CA GLU A 506 -2.08 -17.02 2.03
C GLU A 506 -0.80 -17.07 1.17
N ALA A 507 -0.16 -18.23 1.13
CA ALA A 507 1.08 -18.37 0.39
C ALA A 507 0.83 -18.14 -1.09
N GLU A 508 -0.20 -18.79 -1.60
CA GLU A 508 -0.56 -18.69 -3.01
C GLU A 508 -0.88 -17.24 -3.37
N GLY A 509 -1.65 -16.56 -2.54
CA GLY A 509 -1.97 -15.16 -2.73
C GLY A 509 -0.71 -14.30 -2.80
N LYS A 510 0.26 -14.60 -1.95
CA LYS A 510 1.51 -13.89 -1.95
C LYS A 510 2.35 -14.11 -3.20
N TRP A 511 2.41 -15.35 -3.68
CA TRP A 511 3.08 -15.63 -4.94
C TRP A 511 2.47 -14.79 -6.07
N ARG A 512 1.15 -14.85 -6.21
CA ARG A 512 0.45 -14.11 -7.24
C ARG A 512 0.76 -12.61 -7.19
N ARG A 513 0.70 -12.05 -6.00
CA ARG A 513 0.97 -10.63 -5.80
C ARG A 513 2.41 -10.25 -6.26
N ALA A 514 3.36 -11.13 -5.97
CA ALA A 514 4.77 -10.96 -6.37
C ALA A 514 5.00 -11.15 -7.86
N THR A 515 4.14 -11.90 -8.54
CA THR A 515 4.26 -12.06 -9.97
C THR A 515 3.73 -10.82 -10.66
N LEU A 516 2.80 -10.11 -10.02
CA LEU A 516 2.13 -8.99 -10.67
C LEU A 516 2.65 -7.62 -10.24
N SER A 517 3.30 -7.56 -9.11
CA SER A 517 3.88 -6.32 -8.59
C SER A 517 5.33 -6.58 -8.18
N GLN A 518 6.07 -5.50 -8.05
CA GLN A 518 7.48 -5.51 -7.67
C GLN A 518 7.72 -4.41 -6.64
N VAL A 519 8.61 -4.69 -5.67
CA VAL A 519 9.11 -3.74 -4.68
C VAL A 519 8.13 -3.42 -3.55
N GLN A 520 6.85 -3.23 -3.87
CA GLN A 520 5.87 -2.85 -2.84
C GLN A 520 5.91 -3.77 -1.60
N LEU A 521 6.17 -5.05 -1.83
CA LEU A 521 6.17 -6.06 -0.75
C LEU A 521 7.31 -5.84 0.23
N THR A 522 8.41 -5.24 -0.21
CA THR A 522 9.52 -4.92 0.71
C THR A 522 9.26 -3.70 1.63
N SER A 523 8.19 -2.94 1.40
CA SER A 523 8.04 -1.64 2.02
C SER A 523 7.94 -1.76 3.53
N TYR A 524 7.26 -2.82 3.98
CA TYR A 524 6.99 -3.01 5.41
C TYR A 524 8.28 -3.19 6.18
N TYR A 525 9.13 -4.11 5.71
CA TYR A 525 10.34 -4.42 6.43
C TYR A 525 11.38 -3.30 6.27
N SER A 526 11.44 -2.72 5.09
CA SER A 526 12.40 -1.67 4.83
C SER A 526 12.22 -0.48 5.78
N GLY A 527 11.00 0.00 5.92
CA GLY A 527 10.76 1.10 6.86
C GLY A 527 10.98 0.72 8.31
N TYR A 528 10.49 -0.46 8.70
CA TYR A 528 10.75 -0.99 10.02
C TYR A 528 12.25 -1.05 10.37
N ARG A 529 13.04 -1.58 9.47
CA ARG A 529 14.47 -1.78 9.73
C ARG A 529 15.15 -0.45 9.84
N GLU A 530 14.83 0.48 8.93
CA GLU A 530 15.47 1.82 9.00
C GLU A 530 15.09 2.58 10.25
N ILE A 531 13.85 2.50 10.69
CA ILE A 531 13.38 3.20 11.91
C ILE A 531 14.03 2.63 13.18
N TYR A 532 14.01 1.31 13.32
CA TYR A 532 14.65 0.65 14.47
C TYR A 532 16.14 0.91 14.49
N ASP A 533 16.83 0.72 13.37
CA ASP A 533 18.29 1.01 13.33
C ASP A 533 18.56 2.51 13.59
N PHE A 534 17.79 3.41 13.00
CA PHE A 534 17.95 4.82 13.35
C PHE A 534 17.73 5.06 14.85
N ARG A 535 16.74 4.42 15.44
CA ARG A 535 16.53 4.60 16.86
C ARG A 535 17.76 4.17 17.64
N GLU A 536 18.29 3.00 17.33
CA GLU A 536 19.43 2.51 18.11
C GLU A 536 20.63 3.41 17.91
N GLU A 537 20.80 3.95 16.71
CA GLU A 537 21.85 4.93 16.40
C GLU A 537 21.69 6.23 17.21
N TYR A 538 20.46 6.65 17.40
CA TYR A 538 20.18 7.84 18.17
C TYR A 538 20.40 7.61 19.67
N LYS A 539 20.03 6.43 20.15
CA LYS A 539 20.35 6.02 21.53
C LYS A 539 21.86 6.14 21.80
N GLN A 540 22.64 5.61 20.88
CA GLN A 540 24.11 5.69 20.93
C GLN A 540 24.63 7.12 21.02
N LEU A 541 24.06 8.01 20.22
CA LEU A 541 24.53 9.39 20.17
C LEU A 541 24.14 10.20 21.39
N LYS A 542 22.94 10.02 21.92
CA LYS A 542 22.49 10.77 23.10
C LYS A 542 22.85 10.11 24.43
N GLY A 543 23.17 8.82 24.41
CA GLY A 543 23.47 8.07 25.64
C GLY A 543 22.46 8.23 26.77
N LYS A 544 22.95 8.70 27.93
CA LYS A 544 22.18 8.95 29.15
C LYS A 544 21.02 9.92 28.95
N ASP A 545 21.14 10.82 27.97
CA ASP A 545 20.13 11.83 27.64
C ASP A 545 19.08 11.36 26.58
N PHE A 546 19.09 10.08 26.24
CA PHE A 546 18.07 9.54 25.30
C PHE A 546 16.72 9.52 25.98
N ASP A 547 15.75 10.18 25.37
CA ASP A 547 14.39 10.07 25.87
C ASP A 547 13.49 9.44 24.79
N LEU A 548 12.99 8.23 25.05
CA LEU A 548 12.15 7.55 24.08
C LEU A 548 10.96 8.39 23.55
N LYS A 549 10.22 9.01 24.45
CA LYS A 549 9.06 9.81 24.06
C LYS A 549 9.43 10.99 23.15
N ALA A 550 10.50 11.69 23.47
CA ALA A 550 10.99 12.83 22.67
C ALA A 550 11.48 12.33 21.34
N PHE A 551 12.08 11.16 21.31
CA PHE A 551 12.47 10.58 20.02
C PHE A 551 11.26 10.37 19.13
N HIS A 552 10.24 9.73 19.68
CA HIS A 552 9.03 9.42 18.94
C HIS A 552 8.36 10.64 18.42
N GLU A 553 8.20 11.64 19.26
CA GLU A 553 7.44 12.84 18.86
C GLU A 553 8.19 13.65 17.80
N LYS A 554 9.49 13.70 17.91
CA LYS A 554 10.27 14.41 16.91
C LYS A 554 10.23 13.62 15.59
N PHE A 555 10.38 12.30 15.67
CA PHE A 555 10.27 11.45 14.48
C PHE A 555 8.96 11.65 13.75
N LEU A 556 7.86 11.72 14.49
CA LEU A 556 6.56 11.82 13.87
C LEU A 556 6.23 13.23 13.39
N SER A 557 7.10 14.21 13.64
CA SER A 557 6.73 15.61 13.40
C SER A 557 6.91 16.00 11.95
N TYR A 558 7.62 15.20 11.16
CA TYR A 558 7.88 15.51 9.76
C TYR A 558 6.80 14.97 8.81
N GLY A 559 5.88 14.17 9.33
CA GLY A 559 4.90 13.51 8.47
C GLY A 559 5.53 12.39 7.66
N SER A 560 4.85 12.04 6.57
CA SER A 560 5.16 10.85 5.78
C SER A 560 6.36 11.02 4.80
N ALA A 561 7.46 11.54 5.30
CA ALA A 561 8.68 11.65 4.53
C ALA A 561 9.40 10.32 4.64
N PRO A 562 10.24 9.99 3.65
CA PRO A 562 11.07 8.82 3.73
C PRO A 562 11.92 8.85 5.00
N VAL A 563 12.07 7.68 5.62
CA VAL A 563 12.83 7.59 6.84
C VAL A 563 14.25 8.21 6.74
N LYS A 564 14.93 8.05 5.62
CA LYS A 564 16.28 8.59 5.55
C LYS A 564 16.33 10.10 5.62
N TYR A 565 15.27 10.77 5.15
CA TYR A 565 15.25 12.21 5.22
C TYR A 565 14.95 12.68 6.65
N ILE A 566 14.06 11.98 7.33
CA ILE A 566 13.80 12.26 8.73
C ILE A 566 15.07 12.09 9.56
N ARG A 567 15.80 11.01 9.31
CA ARG A 567 17.08 10.79 9.97
C ARG A 567 18.03 11.94 9.71
N GLN A 568 18.18 12.31 8.45
CA GLN A 568 19.13 13.38 8.06
C GLN A 568 18.74 14.70 8.77
N LEU A 569 17.45 15.03 8.83
CA LEU A 569 17.04 16.30 9.45
C LEU A 569 17.25 16.22 10.95
N MSE A 570 17.00 15.06 11.57
CA MSE A 570 17.16 14.91 13.01
C MSE A 570 18.62 14.90 13.41
O MSE A 570 18.91 15.34 14.51
CB MSE A 570 16.45 13.65 13.56
CG MSE A 570 14.96 13.84 13.68
SE MSE A 570 13.98 12.33 14.28
CE MSE A 570 14.57 12.46 16.14
N LEU A 571 19.52 14.44 12.54
CA LEU A 571 20.97 14.43 12.87
C LEU A 571 21.68 15.75 12.56
N GLU A 572 21.23 16.46 11.52
CA GLU A 572 21.68 17.83 11.16
C GLU A 572 20.98 18.89 12.01
ZN ZN B . -14.48 13.55 -5.74
ZN ZN C . 19.05 16.71 -1.55
ZN ZN D . 19.41 20.04 5.79
ZN ZN E . -12.22 -21.17 17.68
ZN ZN F . -0.03 -1.05 8.10
ZN ZN G . -3.90 -12.43 27.47
ZN ZN H . 1.11 26.50 -14.97
ZN ZN I . -9.12 -12.77 23.89
ZN ZN J . -9.02 -8.37 26.35
ZN ZN K . 7.32 8.23 -33.30
ZN ZN L . 19.35 -18.77 7.06
C ACY M . -14.84 -21.46 18.91
O ACY M . -13.61 -21.65 18.77
OXT ACY M . -15.52 -20.91 17.99
CH3 ACY M . -15.50 -21.87 20.21
C ACY N . 8.89 8.46 -26.22
O ACY N . 8.50 7.47 -25.52
OXT ACY N . 8.69 8.61 -27.45
CH3 ACY N . 9.67 9.57 -25.59
C ACY O . 7.62 3.36 -10.19
O ACY O . 7.32 2.67 -9.21
OXT ACY O . 7.03 3.21 -11.28
CH3 ACY O . 8.72 4.36 -10.02
C1 EDO P . -8.02 5.40 -15.68
O1 EDO P . -9.04 4.38 -15.77
C2 EDO P . -7.57 5.93 -17.06
O2 EDO P . -8.61 6.77 -17.59
C ACY Q . 3.94 -3.20 -12.76
O ACY Q . 3.42 -4.33 -12.62
OXT ACY Q . 4.73 -2.68 -11.91
CH3 ACY Q . 3.56 -2.38 -13.95
CA CA R . 0.45 -21.64 -10.24
C1 EDO S . -4.84 2.38 -14.72
O1 EDO S . -5.73 2.73 -15.80
C2 EDO S . -4.63 0.87 -14.62
O2 EDO S . -5.82 0.13 -14.27
CA CA T . 5.47 -27.49 3.63
C ACY U . 10.50 -7.25 -17.75
O ACY U . 11.02 -8.36 -17.97
OXT ACY U . 11.07 -6.16 -18.03
CH3 ACY U . 9.14 -7.24 -17.09
CA CA V . -3.35 12.44 -29.68
N1 IMD W . -35.54 1.81 -16.89
C2 IMD W . -36.13 2.86 -16.25
N3 IMD W . -36.05 3.96 -17.05
C4 IMD W . -35.40 3.59 -18.20
C5 IMD W . -35.08 2.24 -18.10
C1 EDO X . -6.99 19.17 -19.50
O1 EDO X . -5.81 19.04 -20.28
C2 EDO X . -6.61 19.71 -18.13
O2 EDO X . -7.44 20.85 -17.87
C1 EDO Y . -13.03 9.81 -31.17
O1 EDO Y . -14.26 9.39 -30.53
C2 EDO Y . -11.87 8.78 -31.12
O2 EDO Y . -12.12 7.60 -30.34
C ACY Z . -22.31 -13.18 23.67
O ACY Z . -23.49 -12.92 23.36
OXT ACY Z . -21.58 -12.27 24.16
CH3 ACY Z . -21.75 -14.57 23.46
#